data_3NGU
#
_entry.id   3NGU
#
_cell.length_a   123.213
_cell.length_b   123.213
_cell.length_c   137.983
_cell.angle_alpha   90.00
_cell.angle_beta   90.00
_cell.angle_gamma   120.00
#
_symmetry.space_group_name_H-M   'H 3 2'
#
loop_
_entity.id
_entity.type
_entity.pdbx_description
1 polymer 'Nucleoside diphosphate kinase'
2 non-polymer "ADENOSINE-5'-DIPHOSPHATE"
3 water water
#
_entity_poly.entity_id   1
_entity_poly.type   'polypeptide(L)'
_entity_poly.pdbx_seq_one_letter_code
;MSSERTFIAVKPDGVQRGLVGEIIARFERKGYKLVALKILQPTTEQAQGHYKDLCSKPFFPALVKYFSSGPIVCMVWEGK
NVVKSGRVLLGATNPADSQPGTIRGDFAVDVGRNVCHGSDSVESAEREIAFWFKADEIASWTSHSVSQIYE
;
_entity_poly.pdbx_strand_id   A,B
#
# COMPACT_ATOMS: atom_id res chain seq x y z
N MET A 1 0.23 22.31 -12.15
CA MET A 1 -1.12 21.70 -12.28
C MET A 1 -1.25 20.51 -11.29
N SER A 2 -1.06 20.85 -9.97
CA SER A 2 -0.97 19.87 -8.80
C SER A 2 -2.05 18.89 -8.53
N SER A 3 -3.25 19.16 -9.00
CA SER A 3 -4.39 18.27 -8.77
C SER A 3 -4.46 17.12 -9.76
N GLU A 4 -3.67 17.07 -10.83
CA GLU A 4 -3.62 15.86 -11.66
C GLU A 4 -3.49 14.54 -10.86
N ARG A 5 -4.17 13.48 -11.23
CA ARG A 5 -4.02 12.17 -10.60
C ARG A 5 -3.71 11.13 -11.64
N THR A 6 -3.05 10.01 -11.25
CA THR A 6 -2.94 8.92 -12.19
C THR A 6 -3.28 7.69 -11.42
N PHE A 7 -3.63 6.62 -12.09
CA PHE A 7 -3.90 5.31 -11.48
C PHE A 7 -2.69 4.40 -11.79
N ILE A 8 -2.13 3.79 -10.78
CA ILE A 8 -1.00 2.87 -10.92
C ILE A 8 -1.48 1.58 -10.36
N ALA A 9 -1.25 0.46 -11.02
CA ALA A 9 -1.62 -0.84 -10.42
C ALA A 9 -0.43 -1.77 -10.34
N VAL A 10 -0.20 -2.44 -9.18
CA VAL A 10 0.87 -3.46 -9.26
C VAL A 10 0.13 -4.67 -9.76
N LYS A 11 0.72 -5.53 -10.50
CA LYS A 11 -0.10 -6.57 -11.08
C LYS A 11 0.24 -7.86 -10.36
N PRO A 12 -0.54 -8.96 -10.67
CA PRO A 12 -0.45 -10.16 -9.96
C PRO A 12 0.96 -10.59 -9.86
N ASP A 13 1.76 -10.51 -10.89
CA ASP A 13 3.15 -10.95 -10.80
C ASP A 13 3.97 -9.92 -9.87
N GLY A 14 3.63 -8.62 -9.97
CA GLY A 14 4.29 -7.69 -9.06
C GLY A 14 3.96 -8.00 -7.61
N VAL A 15 2.70 -8.34 -7.30
CA VAL A 15 2.30 -8.59 -5.92
C VAL A 15 3.01 -9.85 -5.45
N GLN A 16 3.05 -10.90 -6.25
CA GLN A 16 3.63 -12.19 -5.90
C GLN A 16 5.14 -12.15 -5.66
N ARG A 17 5.81 -11.23 -6.38
CA ARG A 17 7.28 -11.07 -6.27
C ARG A 17 7.71 -9.98 -5.28
N GLY A 18 6.77 -9.31 -4.59
CA GLY A 18 7.10 -8.67 -3.29
C GLY A 18 7.58 -7.26 -3.68
N LEU A 19 6.88 -6.65 -4.63
CA LEU A 19 7.38 -5.40 -5.22
C LEU A 19 6.48 -4.25 -4.92
N VAL A 20 5.42 -4.41 -4.15
CA VAL A 20 4.51 -3.25 -3.90
C VAL A 20 5.08 -2.07 -3.11
N GLY A 21 5.84 -2.38 -2.04
CA GLY A 21 6.47 -1.34 -1.29
C GLY A 21 7.56 -0.59 -1.97
N GLU A 22 8.43 -1.33 -2.66
CA GLU A 22 9.38 -0.74 -3.58
C GLU A 22 8.79 0.26 -4.54
N ILE A 23 7.66 -0.08 -5.10
CA ILE A 23 7.07 0.83 -6.15
C ILE A 23 6.37 2.01 -5.47
N ILE A 24 5.71 1.75 -4.32
CA ILE A 24 5.07 2.85 -3.54
C ILE A 24 6.16 3.78 -3.17
N ALA A 25 7.31 3.29 -2.79
CA ALA A 25 8.37 4.16 -2.30
C ALA A 25 8.99 4.96 -3.39
N ARG A 26 9.03 4.48 -4.62
CA ARG A 26 9.48 5.36 -5.62
C ARG A 26 8.65 6.60 -5.86
N PHE A 27 7.34 6.49 -5.83
CA PHE A 27 6.55 7.64 -6.05
C PHE A 27 6.57 8.51 -4.89
N GLU A 28 6.58 7.95 -3.62
CA GLU A 28 6.81 8.79 -2.45
C GLU A 28 8.05 9.65 -2.44
N ARG A 29 9.23 9.08 -2.70
CA ARG A 29 10.44 9.88 -2.75
C ARG A 29 10.42 10.95 -3.80
N LYS A 30 9.78 10.67 -4.96
CA LYS A 30 9.55 11.69 -5.84
C LYS A 30 8.73 12.85 -5.43
N GLY A 31 7.81 12.72 -4.49
CA GLY A 31 7.14 14.00 -4.00
C GLY A 31 5.69 13.87 -4.27
N TYR A 32 5.27 12.76 -4.90
CA TYR A 32 3.85 12.52 -5.14
C TYR A 32 3.00 12.10 -4.01
N LYS A 33 1.67 12.34 -4.15
CA LYS A 33 0.75 12.05 -3.01
C LYS A 33 -0.22 10.88 -3.23
N LEU A 34 -0.20 9.91 -2.36
CA LEU A 34 -1.00 8.73 -2.33
C LEU A 34 -2.35 9.12 -1.73
N VAL A 35 -3.40 8.84 -2.43
CA VAL A 35 -4.70 9.45 -2.19
C VAL A 35 -5.64 8.25 -2.21
N ALA A 36 -5.17 7.06 -2.61
CA ALA A 36 -6.07 5.90 -2.68
C ALA A 36 -5.38 4.61 -2.74
N LEU A 37 -5.92 3.54 -2.17
CA LEU A 37 -5.19 2.27 -1.98
C LEU A 37 -6.06 1.09 -1.57
N LYS A 38 -5.86 0.01 -2.31
CA LYS A 38 -6.53 -1.28 -1.96
C LYS A 38 -5.89 -2.40 -2.66
N ILE A 39 -6.12 -3.57 -2.18
CA ILE A 39 -5.61 -4.78 -2.76
C ILE A 39 -6.88 -5.63 -3.12
N LEU A 40 -7.04 -6.07 -4.37
CA LEU A 40 -8.07 -7.04 -4.69
C LEU A 40 -7.75 -7.80 -5.92
N GLN A 41 -8.45 -8.94 -6.05
CA GLN A 41 -8.35 -9.80 -7.19
C GLN A 41 -9.32 -9.33 -8.21
N PRO A 42 -8.82 -8.78 -9.37
CA PRO A 42 -9.86 -8.41 -10.37
C PRO A 42 -10.67 -9.65 -10.75
N THR A 43 -11.92 -9.42 -11.14
CA THR A 43 -12.70 -10.40 -11.92
C THR A 43 -12.37 -10.39 -13.48
N THR A 44 -12.79 -11.47 -14.20
CA THR A 44 -12.74 -11.42 -15.61
C THR A 44 -13.26 -10.10 -16.26
N GLU A 45 -14.44 -9.68 -15.79
CA GLU A 45 -15.07 -8.50 -16.32
C GLU A 45 -14.28 -7.18 -16.04
N GLN A 46 -13.90 -6.99 -14.77
CA GLN A 46 -12.86 -5.99 -14.36
C GLN A 46 -11.59 -6.11 -15.26
N ALA A 47 -11.06 -7.32 -15.43
CA ALA A 47 -9.84 -7.45 -16.21
C ALA A 47 -10.16 -6.98 -17.65
N GLN A 48 -11.30 -7.46 -18.20
CA GLN A 48 -11.79 -7.04 -19.55
C GLN A 48 -12.12 -5.58 -19.68
N GLY A 49 -12.70 -4.92 -18.67
CA GLY A 49 -13.10 -3.53 -18.93
C GLY A 49 -11.86 -2.64 -18.72
N HIS A 50 -10.95 -3.11 -17.87
CA HIS A 50 -9.78 -2.33 -17.60
C HIS A 50 -9.01 -2.31 -18.93
N TYR A 51 -8.85 -3.47 -19.58
CA TYR A 51 -8.08 -3.44 -20.84
C TYR A 51 -8.99 -3.47 -22.14
N LYS A 52 -10.24 -3.17 -21.98
CA LYS A 52 -11.17 -2.85 -23.01
C LYS A 52 -10.57 -2.43 -24.33
N ASP A 53 -9.68 -1.42 -24.39
CA ASP A 53 -9.10 -0.90 -25.69
C ASP A 53 -8.29 -1.89 -26.54
N LEU A 54 -8.06 -3.12 -26.05
CA LEU A 54 -7.23 -4.06 -26.77
C LEU A 54 -7.92 -5.38 -26.94
N CYS A 55 -9.27 -5.39 -27.03
CA CYS A 55 -10.03 -6.68 -27.23
C CYS A 55 -9.71 -7.36 -28.57
N SER A 56 -9.07 -6.64 -29.47
CA SER A 56 -8.74 -7.26 -30.78
C SER A 56 -7.33 -7.91 -30.81
N LYS A 57 -6.58 -7.77 -29.72
CA LYS A 57 -5.18 -8.15 -29.82
C LYS A 57 -5.25 -9.57 -29.44
N PRO A 58 -4.36 -10.41 -30.01
CA PRO A 58 -4.39 -11.84 -29.79
C PRO A 58 -3.79 -12.18 -28.41
N PHE A 59 -3.07 -11.24 -27.79
CA PHE A 59 -2.68 -11.44 -26.39
C PHE A 59 -3.88 -11.19 -25.45
N PHE A 60 -4.88 -10.42 -25.89
CA PHE A 60 -6.01 -10.10 -24.91
C PHE A 60 -6.49 -11.21 -23.94
N PRO A 61 -6.82 -12.39 -24.47
CA PRO A 61 -7.41 -13.34 -23.50
C PRO A 61 -6.38 -13.88 -22.51
N ALA A 62 -5.10 -13.90 -22.89
CA ALA A 62 -4.11 -14.43 -21.98
C ALA A 62 -3.88 -13.35 -20.89
N LEU A 63 -3.85 -12.08 -21.34
CA LEU A 63 -3.84 -10.92 -20.45
C LEU A 63 -4.97 -10.81 -19.44
N VAL A 64 -6.19 -11.01 -19.89
CA VAL A 64 -7.34 -10.87 -19.02
C VAL A 64 -7.32 -12.07 -18.00
N LYS A 65 -6.96 -13.26 -18.42
CA LYS A 65 -6.83 -14.38 -17.54
C LYS A 65 -5.67 -14.20 -16.45
N TYR A 66 -4.60 -13.54 -16.83
CA TYR A 66 -3.49 -13.33 -16.01
C TYR A 66 -3.79 -12.23 -15.03
N PHE A 67 -4.39 -11.16 -15.55
CA PHE A 67 -4.73 -10.02 -14.64
C PHE A 67 -5.78 -10.34 -13.57
N SER A 68 -6.65 -11.26 -13.95
CA SER A 68 -7.69 -11.66 -12.99
C SER A 68 -7.36 -12.84 -12.08
N SER A 69 -6.13 -13.34 -12.09
CA SER A 69 -5.71 -14.60 -11.40
C SER A 69 -5.07 -14.47 -10.00
N GLY A 70 -5.07 -13.28 -9.49
CA GLY A 70 -4.51 -12.99 -8.19
C GLY A 70 -4.73 -11.53 -7.95
N PRO A 71 -4.46 -11.12 -6.78
CA PRO A 71 -4.55 -9.75 -6.27
C PRO A 71 -3.57 -8.81 -6.94
N ILE A 72 -4.11 -7.63 -7.32
CA ILE A 72 -3.40 -6.51 -7.70
C ILE A 72 -3.51 -5.48 -6.64
N VAL A 73 -2.59 -4.53 -6.65
CA VAL A 73 -2.77 -3.36 -5.73
C VAL A 73 -2.99 -2.07 -6.51
N CYS A 74 -4.10 -1.33 -6.23
CA CYS A 74 -4.46 -0.17 -7.01
C CYS A 74 -4.14 0.95 -6.15
N MET A 75 -3.72 1.99 -6.81
CA MET A 75 -3.36 3.25 -6.19
C MET A 75 -3.74 4.42 -7.10
N VAL A 76 -3.89 5.59 -6.46
CA VAL A 76 -4.00 6.81 -7.16
C VAL A 76 -3.03 7.77 -6.55
N TRP A 77 -2.29 8.47 -7.38
CA TRP A 77 -1.32 9.49 -6.94
C TRP A 77 -1.66 10.85 -7.53
N GLU A 78 -1.29 11.86 -6.76
CA GLU A 78 -1.61 13.22 -7.15
C GLU A 78 -0.40 14.09 -7.14
N GLY A 79 -0.19 14.89 -8.26
CA GLY A 79 0.78 15.98 -8.32
C GLY A 79 0.91 16.48 -9.80
N LYS A 80 1.80 17.41 -9.99
CA LYS A 80 2.11 18.04 -11.30
C LYS A 80 2.80 16.94 -12.15
N ASN A 81 2.18 16.72 -13.31
CA ASN A 81 2.71 15.91 -14.30
C ASN A 81 2.69 14.43 -13.89
N VAL A 82 1.95 14.10 -12.83
CA VAL A 82 1.96 12.73 -12.28
C VAL A 82 1.69 11.61 -13.32
N VAL A 83 0.92 11.91 -14.39
CA VAL A 83 0.57 10.84 -15.35
C VAL A 83 1.81 10.52 -16.21
N LYS A 84 2.39 11.54 -16.81
CA LYS A 84 3.54 11.34 -17.62
C LYS A 84 4.80 10.99 -16.79
N SER A 85 5.08 11.65 -15.68
CA SER A 85 6.14 11.16 -14.75
C SER A 85 5.89 9.70 -14.27
N GLY A 86 4.62 9.32 -14.06
CA GLY A 86 4.29 7.94 -13.80
C GLY A 86 4.83 7.00 -14.87
N ARG A 87 4.78 7.40 -16.12
CA ARG A 87 5.07 6.45 -17.19
C ARG A 87 6.54 6.42 -17.41
N VAL A 88 7.24 7.51 -17.11
CA VAL A 88 8.70 7.59 -17.20
C VAL A 88 9.28 6.66 -16.07
N LEU A 89 8.72 6.76 -14.89
CA LEU A 89 9.03 5.83 -13.80
C LEU A 89 8.74 4.33 -14.05
N LEU A 90 7.61 4.03 -14.62
CA LEU A 90 7.34 2.63 -14.98
C LEU A 90 8.24 2.04 -16.03
N GLY A 91 8.62 2.76 -17.06
CA GLY A 91 9.39 2.12 -18.14
C GLY A 91 8.56 1.65 -19.27
N ALA A 92 9.21 1.39 -20.41
CA ALA A 92 8.60 0.86 -21.72
C ALA A 92 7.79 -0.43 -21.42
N THR A 93 6.78 -0.67 -22.26
CA THR A 93 5.94 -1.84 -22.19
C THR A 93 6.69 -3.17 -22.13
N ASN A 94 7.58 -3.37 -23.08
CA ASN A 94 8.48 -4.44 -23.01
C ASN A 94 9.59 -4.18 -21.96
N PRO A 95 9.64 -4.91 -20.88
CA PRO A 95 10.84 -4.72 -19.97
C PRO A 95 12.26 -4.79 -20.63
N ALA A 96 12.37 -5.38 -21.80
CA ALA A 96 13.68 -5.40 -22.57
C ALA A 96 14.10 -4.00 -23.20
N ASP A 97 13.13 -3.12 -23.57
CA ASP A 97 13.41 -1.73 -24.01
C ASP A 97 13.43 -0.71 -22.85
N SER A 98 13.42 -1.22 -21.65
CA SER A 98 13.17 -0.38 -20.48
C SER A 98 14.46 -0.12 -19.69
N GLN A 99 14.68 1.11 -19.30
CA GLN A 99 15.98 1.43 -18.80
C GLN A 99 16.07 1.08 -17.34
N PRO A 100 17.32 0.83 -16.92
CA PRO A 100 17.63 0.63 -15.56
C PRO A 100 17.23 1.88 -14.77
N GLY A 101 16.66 1.71 -13.52
CA GLY A 101 16.05 2.81 -12.80
C GLY A 101 14.54 2.97 -12.97
N THR A 102 14.01 2.39 -14.02
CA THR A 102 12.58 2.31 -14.18
C THR A 102 12.13 1.01 -13.55
N ILE A 103 10.91 0.97 -13.00
CA ILE A 103 10.24 -0.23 -12.43
C ILE A 103 10.27 -1.45 -13.31
N ARG A 104 9.91 -1.32 -14.61
CA ARG A 104 9.93 -2.50 -15.42
C ARG A 104 11.35 -2.79 -15.75
N GLY A 105 12.21 -1.76 -15.91
CA GLY A 105 13.64 -2.07 -16.32
C GLY A 105 14.40 -2.77 -15.09
N ASP A 106 14.02 -2.47 -13.89
CA ASP A 106 14.74 -2.97 -12.73
C ASP A 106 14.22 -4.34 -12.26
N PHE A 107 12.96 -4.65 -12.49
CA PHE A 107 12.40 -5.85 -11.97
C PHE A 107 11.71 -6.75 -12.97
N ALA A 108 11.66 -6.46 -14.24
CA ALA A 108 10.90 -7.42 -15.00
C ALA A 108 11.67 -7.90 -16.26
N VAL A 109 11.33 -9.07 -16.78
CA VAL A 109 11.99 -9.48 -18.00
C VAL A 109 11.04 -9.52 -19.27
N ASP A 110 9.80 -9.99 -19.11
CA ASP A 110 8.90 -10.35 -20.22
C ASP A 110 7.77 -9.40 -20.36
N VAL A 111 7.41 -9.04 -21.59
CA VAL A 111 6.38 -7.99 -21.81
C VAL A 111 5.05 -8.54 -21.18
N GLY A 112 4.91 -9.85 -21.04
CA GLY A 112 3.65 -10.47 -20.70
C GLY A 112 3.58 -10.40 -19.21
N ARG A 113 4.74 -10.24 -18.51
CA ARG A 113 4.74 -10.16 -17.09
C ARG A 113 5.52 -8.99 -16.61
N ASN A 114 4.93 -7.85 -16.55
CA ASN A 114 5.70 -6.60 -16.51
C ASN A 114 5.30 -5.74 -15.34
N VAL A 115 4.78 -6.44 -14.31
CA VAL A 115 4.70 -6.11 -12.92
C VAL A 115 3.77 -5.06 -12.50
N CYS A 116 3.57 -4.05 -13.37
CA CYS A 116 2.87 -2.84 -12.97
CA CYS A 116 2.72 -2.94 -12.98
C CYS A 116 2.16 -2.17 -14.12
N HIS A 117 1.07 -1.45 -13.82
CA HIS A 117 0.31 -0.73 -14.92
C HIS A 117 0.36 0.78 -14.59
N GLY A 118 0.30 1.68 -15.57
CA GLY A 118 0.11 3.15 -15.22
C GLY A 118 -0.71 3.77 -16.35
N SER A 119 -1.72 4.52 -15.98
CA SER A 119 -2.37 5.34 -16.92
C SER A 119 -1.42 6.02 -17.82
N ASP A 120 -1.80 6.04 -19.10
CA ASP A 120 -1.02 6.62 -20.19
C ASP A 120 -1.49 7.99 -20.60
N SER A 121 -2.61 8.48 -20.05
CA SER A 121 -2.99 9.88 -20.30
C SER A 121 -3.89 10.33 -19.21
N VAL A 122 -4.03 11.61 -19.04
CA VAL A 122 -4.99 12.22 -18.13
C VAL A 122 -6.44 11.75 -18.28
N GLU A 123 -6.95 11.68 -19.50
CA GLU A 123 -8.32 11.25 -19.72
C GLU A 123 -8.37 9.76 -19.39
N SER A 124 -7.31 9.02 -19.67
CA SER A 124 -7.32 7.57 -19.32
C SER A 124 -7.17 7.40 -17.80
N ALA A 125 -6.38 8.25 -17.17
CA ALA A 125 -6.18 8.20 -15.70
C ALA A 125 -7.56 8.42 -15.07
N GLU A 126 -8.28 9.43 -15.57
CA GLU A 126 -9.63 9.73 -14.97
C GLU A 126 -10.59 8.61 -15.22
N ARG A 127 -10.53 7.98 -16.37
CA ARG A 127 -11.38 6.80 -16.51
C ARG A 127 -10.92 5.57 -15.66
N GLU A 128 -9.66 5.39 -15.35
CA GLU A 128 -9.24 4.20 -14.60
C GLU A 128 -9.50 4.51 -13.11
N ILE A 129 -9.28 5.70 -12.66
CA ILE A 129 -9.65 6.06 -11.34
C ILE A 129 -11.10 5.78 -10.99
N ALA A 130 -12.04 6.13 -11.88
CA ALA A 130 -13.49 5.96 -11.64
C ALA A 130 -13.87 4.51 -11.78
N PHE A 131 -13.13 3.74 -12.58
CA PHE A 131 -13.44 2.27 -12.66
C PHE A 131 -13.20 1.49 -11.39
N TRP A 132 -12.10 1.79 -10.68
CA TRP A 132 -11.69 0.93 -9.63
C TRP A 132 -12.02 1.43 -8.24
N PHE A 133 -12.18 2.73 -8.12
CA PHE A 133 -12.40 3.40 -6.95
C PHE A 133 -13.74 4.08 -6.90
N LYS A 134 -14.50 3.92 -5.79
CA LYS A 134 -15.60 4.88 -5.59
C LYS A 134 -15.06 6.23 -5.10
N ALA A 135 -15.58 7.37 -5.58
CA ALA A 135 -15.28 8.62 -4.90
C ALA A 135 -15.47 8.35 -3.35
N ASP A 136 -14.75 8.95 -2.40
CA ASP A 136 -14.99 8.52 -0.97
C ASP A 136 -14.00 7.42 -0.49
N GLU A 137 -13.57 6.52 -1.37
CA GLU A 137 -12.31 5.80 -1.05
C GLU A 137 -11.05 6.66 -1.38
N ILE A 138 -11.27 7.90 -1.79
CA ILE A 138 -10.25 8.83 -2.26
C ILE A 138 -10.10 9.79 -1.10
N ALA A 139 -9.02 9.63 -0.34
CA ALA A 139 -8.73 10.50 0.76
C ALA A 139 -8.28 11.92 0.24
N SER A 140 -8.78 12.99 0.82
CA SER A 140 -8.33 14.32 0.54
C SER A 140 -7.48 14.71 1.77
N TRP A 141 -6.24 15.14 1.50
CA TRP A 141 -5.33 15.63 2.48
C TRP A 141 -4.34 16.44 1.77
N THR A 142 -3.54 17.07 2.58
CA THR A 142 -2.57 18.03 2.10
C THR A 142 -1.24 17.61 2.78
N SER A 143 -0.22 17.44 1.95
CA SER A 143 1.15 16.99 2.34
C SER A 143 1.78 18.15 3.24
N HIS A 144 2.41 17.91 4.39
CA HIS A 144 3.06 19.03 5.05
C HIS A 144 4.24 19.59 4.22
N SER A 145 4.49 19.01 3.03
CA SER A 145 5.68 19.26 2.26
C SER A 145 5.37 20.00 0.96
N VAL A 146 4.12 20.33 0.63
CA VAL A 146 3.82 20.85 -0.70
C VAL A 146 4.58 22.11 -0.94
N SER A 147 4.96 22.84 0.13
CA SER A 147 5.72 24.07 -0.16
C SER A 147 7.16 23.77 -0.44
N GLN A 148 7.61 22.56 -0.08
CA GLN A 148 8.98 22.15 -0.47
C GLN A 148 9.03 21.52 -1.86
N ILE A 149 7.93 20.99 -2.30
CA ILE A 149 7.91 20.34 -3.61
C ILE A 149 7.46 21.26 -4.74
N TYR A 150 6.58 22.21 -4.42
CA TYR A 150 6.01 23.18 -5.40
C TYR A 150 6.30 24.62 -4.99
N GLU A 151 6.64 25.43 -5.99
CA GLU A 151 6.30 26.86 -6.10
C GLU A 151 7.37 27.44 -7.02
N MET B 1 -2.04 -21.95 12.27
CA MET B 1 -0.76 -21.25 12.73
C MET B 1 -0.18 -20.36 11.60
N SER B 2 -0.10 -20.92 10.39
CA SER B 2 0.28 -20.18 9.14
C SER B 2 -0.76 -19.18 8.60
N SER B 3 -1.95 -19.13 9.21
CA SER B 3 -3.05 -18.23 8.85
C SER B 3 -3.18 -17.10 9.89
N GLU B 4 -2.30 -17.12 10.89
CA GLU B 4 -2.20 -15.95 11.76
C GLU B 4 -2.16 -14.62 10.95
N ARG B 5 -2.93 -13.67 11.49
CA ARG B 5 -3.02 -12.34 10.98
C ARG B 5 -2.74 -11.27 11.92
N THR B 6 -2.18 -10.17 11.38
CA THR B 6 -1.86 -8.96 12.17
C THR B 6 -2.30 -7.73 11.50
N PHE B 7 -2.58 -6.70 12.29
CA PHE B 7 -3.05 -5.38 11.74
C PHE B 7 -1.90 -4.40 11.88
N ILE B 8 -1.53 -3.77 10.77
CA ILE B 8 -0.40 -2.76 10.86
C ILE B 8 -1.01 -1.53 10.44
N ALA B 9 -0.85 -0.44 11.15
CA ALA B 9 -1.27 0.83 10.63
C ALA B 9 -0.09 1.73 10.52
N VAL B 10 -0.01 2.43 9.37
CA VAL B 10 0.98 3.52 9.35
C VAL B 10 0.32 4.74 9.87
N LYS B 11 0.91 5.41 10.81
CA LYS B 11 0.20 6.53 11.35
C LYS B 11 0.25 7.76 10.47
N PRO B 12 -0.57 8.79 10.83
CA PRO B 12 -0.56 10.00 10.01
C PRO B 12 0.85 10.61 9.76
N ASP B 13 1.71 10.53 10.77
CA ASP B 13 3.09 10.93 10.69
C ASP B 13 3.99 10.01 9.78
N GLY B 14 3.77 8.72 9.80
CA GLY B 14 4.33 7.88 8.78
C GLY B 14 3.91 8.21 7.28
N VAL B 15 2.66 8.42 7.05
CA VAL B 15 2.17 8.84 5.77
C VAL B 15 2.72 10.21 5.37
N GLN B 16 2.57 11.26 6.20
CA GLN B 16 3.15 12.55 5.91
C GLN B 16 4.70 12.48 5.67
N ARG B 17 5.47 11.61 6.30
CA ARG B 17 6.92 11.56 6.00
C ARG B 17 7.34 10.60 4.81
N GLY B 18 6.43 9.88 4.12
CA GLY B 18 6.88 9.18 2.86
C GLY B 18 7.45 7.81 3.17
N LEU B 19 7.03 7.26 4.33
CA LEU B 19 7.42 5.97 4.88
C LEU B 19 6.51 4.78 4.52
N VAL B 20 5.39 4.99 3.87
CA VAL B 20 4.49 3.88 3.62
C VAL B 20 5.07 2.68 2.91
N GLY B 21 5.82 2.98 1.81
CA GLY B 21 6.40 1.82 1.04
C GLY B 21 7.56 1.18 1.66
N GLU B 22 8.38 1.96 2.38
CA GLU B 22 9.40 1.42 3.22
C GLU B 22 8.89 0.36 4.23
N ILE B 23 7.77 0.63 4.89
CA ILE B 23 7.26 -0.33 5.89
C ILE B 23 6.66 -1.48 5.17
N ILE B 24 5.96 -1.24 4.03
CA ILE B 24 5.37 -2.38 3.30
C ILE B 24 6.51 -3.26 2.86
N ALA B 25 7.58 -2.66 2.31
CA ALA B 25 8.72 -3.48 1.77
C ALA B 25 9.31 -4.36 2.82
N ARG B 26 9.46 -3.88 4.06
CA ARG B 26 10.02 -4.65 5.07
C ARG B 26 9.16 -5.78 5.42
N PHE B 27 7.81 -5.65 5.41
CA PHE B 27 7.05 -6.86 5.73
C PHE B 27 7.19 -7.94 4.70
N GLU B 28 7.24 -7.50 3.43
CA GLU B 28 7.34 -8.33 2.28
C GLU B 28 8.65 -9.06 2.21
N ARG B 29 9.77 -8.40 2.50
CA ARG B 29 11.07 -9.07 2.60
C ARG B 29 11.11 -10.25 3.54
N LYS B 30 10.52 -10.04 4.71
CA LYS B 30 10.54 -10.96 5.75
C LYS B 30 9.63 -12.13 5.31
N GLY B 31 8.84 -12.00 4.23
CA GLY B 31 8.11 -13.18 3.69
C GLY B 31 6.67 -13.15 4.03
N TYR B 32 6.19 -12.06 4.61
CA TYR B 32 4.70 -12.00 4.86
C TYR B 32 3.78 -11.66 3.70
N LYS B 33 2.48 -11.91 3.94
CA LYS B 33 1.56 -11.90 2.80
C LYS B 33 0.54 -10.80 3.08
N LEU B 34 0.39 -9.86 2.13
CA LEU B 34 -0.45 -8.70 2.34
C LEU B 34 -1.86 -9.13 1.83
N VAL B 35 -2.95 -8.76 2.48
CA VAL B 35 -4.21 -9.39 2.20
C VAL B 35 -5.12 -8.18 2.35
N ALA B 36 -4.68 -6.97 2.75
CA ALA B 36 -5.75 -5.96 2.89
C ALA B 36 -5.10 -4.71 3.15
N LEU B 37 -5.61 -3.64 2.56
CA LEU B 37 -4.86 -2.41 2.54
C LEU B 37 -5.84 -1.32 2.32
N LYS B 38 -5.58 -0.20 2.93
CA LYS B 38 -6.30 0.97 2.48
C LYS B 38 -5.80 2.28 3.06
N ILE B 39 -6.21 3.39 2.47
CA ILE B 39 -5.94 4.66 3.05
C ILE B 39 -7.27 5.35 3.36
N LEU B 40 -7.35 6.04 4.55
CA LEU B 40 -8.51 6.81 5.02
C LEU B 40 -8.10 7.64 6.24
N GLN B 41 -8.90 8.68 6.52
CA GLN B 41 -8.69 9.53 7.75
C GLN B 41 -9.65 8.96 8.82
N PRO B 42 -9.08 8.41 9.84
CA PRO B 42 -9.95 7.96 10.98
C PRO B 42 -10.77 9.15 11.52
N THR B 43 -12.05 8.98 11.69
CA THR B 43 -12.85 9.90 12.58
C THR B 43 -12.34 9.77 14.07
N THR B 44 -12.65 10.74 14.94
CA THR B 44 -12.32 10.68 16.42
C THR B 44 -12.90 9.44 17.09
N GLU B 45 -14.07 9.08 16.57
CA GLU B 45 -14.79 7.89 16.96
C GLU B 45 -13.99 6.64 16.81
N GLN B 46 -13.54 6.41 15.59
CA GLN B 46 -12.61 5.30 15.24
C GLN B 46 -11.29 5.44 16.00
N ALA B 47 -10.79 6.64 16.19
CA ALA B 47 -9.60 6.72 17.09
C ALA B 47 -9.89 6.22 18.44
N GLN B 48 -11.05 6.59 19.03
CA GLN B 48 -11.45 6.13 20.43
C GLN B 48 -11.68 4.65 20.53
N GLY B 49 -12.39 4.07 19.58
CA GLY B 49 -12.55 2.68 19.50
C GLY B 49 -11.33 1.88 19.10
N HIS B 50 -10.40 2.53 18.40
CA HIS B 50 -9.29 1.71 18.00
C HIS B 50 -8.45 1.53 19.29
N TYR B 51 -8.42 2.59 20.08
CA TYR B 51 -7.65 2.63 21.29
C TYR B 51 -8.48 2.51 22.62
N LYS B 52 -9.71 2.00 22.54
CA LYS B 52 -10.67 1.85 23.71
C LYS B 52 -9.96 1.32 24.95
N ASP B 53 -9.26 0.18 24.73
CA ASP B 53 -8.57 -0.49 25.78
C ASP B 53 -7.47 0.33 26.40
N LEU B 54 -7.34 1.64 26.05
CA LEU B 54 -6.44 2.61 26.79
C LEU B 54 -7.03 3.99 27.11
N CYS B 55 -8.36 4.08 27.23
CA CYS B 55 -9.08 5.38 27.54
C CYS B 55 -8.77 6.06 28.87
N SER B 56 -8.41 5.25 29.86
CA SER B 56 -8.09 5.85 31.18
C SER B 56 -6.74 6.60 31.26
N LYS B 57 -5.81 6.31 30.33
CA LYS B 57 -4.46 6.99 30.39
C LYS B 57 -4.29 8.52 30.06
N PRO B 58 -3.29 9.17 30.67
CA PRO B 58 -3.25 10.60 30.42
C PRO B 58 -3.02 11.05 28.96
N PHE B 59 -2.29 10.25 28.18
CA PHE B 59 -1.92 10.65 26.85
C PHE B 59 -3.14 10.41 25.94
N PHE B 60 -4.07 9.54 26.34
CA PHE B 60 -5.21 9.14 25.53
C PHE B 60 -5.97 10.16 24.60
N PRO B 61 -6.18 11.40 25.06
CA PRO B 61 -6.87 12.29 24.17
C PRO B 61 -5.99 13.05 23.16
N ALA B 62 -4.77 13.31 23.57
CA ALA B 62 -3.63 13.70 22.65
C ALA B 62 -3.46 12.68 21.49
N LEU B 63 -3.31 11.43 21.95
CA LEU B 63 -3.32 10.26 21.15
C LEU B 63 -4.54 10.18 20.22
N VAL B 64 -5.73 10.20 20.80
CA VAL B 64 -6.96 10.23 20.04
C VAL B 64 -6.99 11.30 18.91
N LYS B 65 -6.76 12.56 19.26
CA LYS B 65 -6.83 13.64 18.28
C LYS B 65 -5.74 13.55 17.16
N TYR B 66 -4.49 13.20 17.49
CA TYR B 66 -3.42 12.98 16.53
C TYR B 66 -3.72 11.89 15.45
N PHE B 67 -4.11 10.71 15.94
CA PHE B 67 -4.42 9.54 15.11
C PHE B 67 -5.55 9.89 14.16
N SER B 68 -6.34 10.91 14.47
CA SER B 68 -7.47 11.25 13.54
C SER B 68 -7.29 12.57 12.87
N SER B 69 -6.06 13.05 12.78
CA SER B 69 -5.73 14.28 12.11
C SER B 69 -5.30 14.12 10.62
N GLY B 70 -5.29 12.94 10.08
CA GLY B 70 -4.66 12.79 8.77
C GLY B 70 -4.92 11.35 8.37
N PRO B 71 -4.82 11.04 7.09
CA PRO B 71 -4.86 9.69 6.61
C PRO B 71 -3.84 8.82 7.26
N ILE B 72 -4.19 7.55 7.37
CA ILE B 72 -3.32 6.52 7.88
C ILE B 72 -3.42 5.49 6.75
N VAL B 73 -2.57 4.48 6.74
CA VAL B 73 -2.67 3.38 5.83
C VAL B 73 -2.84 2.17 6.69
N CYS B 74 -3.97 1.47 6.53
CA CYS B 74 -4.24 0.18 7.30
C CYS B 74 -3.89 -1.02 6.43
N MET B 75 -3.34 -1.99 7.13
CA MET B 75 -2.89 -3.24 6.55
C MET B 75 -3.15 -4.43 7.47
N VAL B 76 -3.21 -5.57 6.81
CA VAL B 76 -3.37 -6.81 7.42
C VAL B 76 -2.43 -7.72 6.63
N TRP B 77 -1.47 -8.26 7.37
CA TRP B 77 -0.50 -9.21 6.88
C TRP B 77 -0.79 -10.62 7.44
N GLU B 78 -0.51 -11.63 6.62
CA GLU B 78 -0.64 -12.99 7.02
C GLU B 78 0.66 -13.71 7.01
N GLY B 79 0.83 -14.46 8.07
CA GLY B 79 1.80 -15.54 8.08
C GLY B 79 2.11 -16.15 9.45
N LYS B 80 3.12 -16.99 9.51
CA LYS B 80 3.42 -17.66 10.77
C LYS B 80 4.14 -16.64 11.73
N ASN B 81 3.81 -16.64 13.03
CA ASN B 81 4.24 -15.63 14.02
C ASN B 81 4.26 -14.14 13.63
N VAL B 82 3.35 -13.77 12.73
CA VAL B 82 3.37 -12.42 12.10
C VAL B 82 3.07 -11.36 13.13
N VAL B 83 2.40 -11.73 14.22
CA VAL B 83 2.08 -10.78 15.33
C VAL B 83 3.29 -10.43 16.19
N LYS B 84 3.98 -11.42 16.74
CA LYS B 84 5.22 -11.17 17.42
C LYS B 84 6.22 -10.47 16.46
N SER B 85 6.50 -11.05 15.27
CA SER B 85 7.42 -10.45 14.26
C SER B 85 7.13 -9.06 13.77
N GLY B 86 5.83 -8.73 13.57
CA GLY B 86 5.43 -7.28 13.26
C GLY B 86 5.89 -6.33 14.37
N ARG B 87 5.59 -6.73 15.63
CA ARG B 87 6.08 -6.00 16.85
C ARG B 87 7.60 -5.82 16.78
N VAL B 88 8.29 -6.94 16.60
CA VAL B 88 9.71 -6.94 16.29
C VAL B 88 10.19 -6.02 15.17
N LEU B 89 9.58 -5.99 13.95
CA LEU B 89 9.97 -5.06 12.91
C LEU B 89 9.70 -3.65 13.32
N LEU B 90 8.67 -3.41 14.17
CA LEU B 90 8.37 -2.01 14.45
C LEU B 90 9.28 -1.50 15.55
N GLY B 91 9.63 -2.37 16.50
CA GLY B 91 10.55 -1.95 17.59
C GLY B 91 9.78 -1.42 18.76
N ALA B 92 10.49 -1.04 19.82
CA ALA B 92 9.81 -0.68 21.03
C ALA B 92 8.83 0.52 20.78
N THR B 93 7.76 0.55 21.59
CA THR B 93 6.75 1.64 21.76
C THR B 93 7.27 3.07 21.61
N ASN B 94 8.30 3.32 22.36
CA ASN B 94 8.93 4.55 22.57
C ASN B 94 10.20 4.35 21.77
N PRO B 95 10.36 5.15 20.70
CA PRO B 95 11.57 5.03 19.89
C PRO B 95 12.89 5.18 20.68
N ALA B 96 12.84 5.69 21.89
CA ALA B 96 14.10 5.80 22.71
C ALA B 96 14.66 4.46 23.22
N ASP B 97 13.83 3.42 23.06
CA ASP B 97 14.15 2.03 23.49
C ASP B 97 14.18 1.07 22.24
N SER B 98 14.25 1.68 21.06
CA SER B 98 14.20 1.00 19.78
C SER B 98 15.56 0.91 19.11
N GLN B 99 15.90 -0.30 18.75
CA GLN B 99 17.15 -0.61 18.10
C GLN B 99 17.10 -0.11 16.62
N PRO B 100 18.23 0.36 16.11
CA PRO B 100 18.33 0.52 14.63
C PRO B 100 18.05 -0.78 13.85
N GLY B 101 17.53 -0.67 12.64
CA GLY B 101 17.09 -1.92 11.95
C GLY B 101 15.57 -2.12 12.02
N THR B 102 14.95 -1.63 13.10
CA THR B 102 13.50 -1.57 13.33
C THR B 102 12.96 -0.25 12.74
N ILE B 103 11.68 -0.20 12.44
CA ILE B 103 11.09 0.99 11.79
C ILE B 103 11.17 2.24 12.73
N ARG B 104 10.83 2.05 14.00
CA ARG B 104 11.02 3.17 15.01
C ARG B 104 12.44 3.40 15.33
N GLY B 105 13.26 2.34 15.40
CA GLY B 105 14.68 2.51 15.49
C GLY B 105 15.25 3.48 14.49
N ASP B 106 14.92 3.30 13.18
CA ASP B 106 15.45 4.07 12.11
C ASP B 106 14.77 5.37 11.83
N PHE B 107 13.50 5.52 12.22
CA PHE B 107 12.75 6.66 11.68
C PHE B 107 12.08 7.64 12.66
N ALA B 108 12.02 7.24 13.90
CA ALA B 108 11.16 7.94 14.88
C ALA B 108 11.95 8.49 16.10
N VAL B 109 11.51 9.65 16.63
CA VAL B 109 12.07 10.24 17.91
C VAL B 109 11.04 10.20 19.13
N ASP B 110 9.79 10.64 18.95
CA ASP B 110 8.89 10.82 20.00
C ASP B 110 7.89 9.70 20.10
N VAL B 111 7.58 9.34 21.32
CA VAL B 111 6.64 8.27 21.47
C VAL B 111 5.27 8.68 20.84
N GLY B 112 5.07 9.98 20.74
CA GLY B 112 3.87 10.57 20.25
C GLY B 112 3.84 10.64 18.73
N ARG B 113 5.04 10.51 18.11
CA ARG B 113 5.19 10.46 16.66
C ARG B 113 6.00 9.27 16.25
N ASN B 114 5.50 8.08 16.51
CA ASN B 114 6.14 6.82 16.33
C ASN B 114 5.73 5.99 15.13
N VAL B 115 5.11 6.68 14.13
CA VAL B 115 5.06 6.26 12.69
C VAL B 115 4.15 5.10 12.34
N CYS B 116 3.95 4.17 13.21
CA CYS B 116 3.37 3.00 12.80
C CYS B 116 2.72 2.30 14.02
N HIS B 117 1.77 1.41 13.81
CA HIS B 117 1.16 0.68 14.94
C HIS B 117 0.98 -0.77 14.57
N GLY B 118 1.10 -1.62 15.55
CA GLY B 118 1.02 -3.05 15.32
C GLY B 118 0.35 -3.75 16.48
N SER B 119 -0.56 -4.67 16.20
CA SER B 119 -1.28 -5.47 17.18
C SER B 119 -0.34 -6.11 18.19
N ASP B 120 -0.76 -6.16 19.45
CA ASP B 120 0.19 -6.59 20.52
C ASP B 120 0.03 -8.08 20.84
N SER B 121 -1.02 -8.67 20.27
CA SER B 121 -1.32 -9.99 20.56
C SER B 121 -2.28 -10.44 19.50
N VAL B 122 -2.51 -11.77 19.42
CA VAL B 122 -3.49 -12.37 18.52
C VAL B 122 -4.93 -11.93 18.71
N GLU B 123 -5.39 -11.88 19.99
CA GLU B 123 -6.73 -11.35 20.34
C GLU B 123 -7.02 -9.90 19.74
N SER B 124 -6.16 -8.98 20.18
CA SER B 124 -6.00 -7.60 19.69
C SER B 124 -5.94 -7.54 18.19
N ALA B 125 -5.02 -8.30 17.50
CA ALA B 125 -5.14 -8.40 15.99
C ALA B 125 -6.55 -8.71 15.47
N GLU B 126 -7.19 -9.71 16.06
CA GLU B 126 -8.54 -10.13 15.57
C GLU B 126 -9.57 -9.02 15.68
N ARG B 127 -9.51 -8.28 16.80
CA ARG B 127 -10.38 -7.15 17.14
C ARG B 127 -10.12 -6.04 16.14
N GLU B 128 -8.82 -5.61 16.01
CA GLU B 128 -8.44 -4.39 15.21
C GLU B 128 -8.69 -4.64 13.72
N ILE B 129 -8.50 -5.87 13.27
CA ILE B 129 -8.81 -6.21 11.88
C ILE B 129 -10.28 -6.16 11.60
N ALA B 130 -11.11 -6.88 12.38
CA ALA B 130 -12.57 -6.74 12.17
C ALA B 130 -13.01 -5.32 12.47
N PHE B 131 -12.36 -4.69 13.39
CA PHE B 131 -12.60 -3.31 13.52
C PHE B 131 -12.45 -2.49 12.23
N TRP B 132 -11.36 -2.66 11.42
CA TRP B 132 -11.04 -1.64 10.53
C TRP B 132 -11.43 -2.11 9.11
N PHE B 133 -11.59 -3.41 8.97
CA PHE B 133 -11.89 -3.99 7.67
C PHE B 133 -13.20 -4.77 7.61
N LYS B 134 -14.04 -4.54 6.62
CA LYS B 134 -15.10 -5.51 6.25
C LYS B 134 -14.58 -6.80 5.54
N ALA B 135 -15.27 -7.92 5.80
CA ALA B 135 -15.00 -9.21 5.21
C ALA B 135 -14.71 -9.11 3.73
N ASP B 136 -15.37 -8.26 2.97
CA ASP B 136 -15.14 -8.21 1.54
C ASP B 136 -13.87 -7.36 1.15
N GLU B 137 -13.27 -6.68 2.13
CA GLU B 137 -12.04 -5.95 1.82
C GLU B 137 -10.76 -6.86 1.98
N ILE B 138 -10.98 -8.16 2.25
CA ILE B 138 -9.87 -8.97 2.51
C ILE B 138 -9.56 -9.85 1.32
N ALA B 139 -8.30 -9.88 0.92
CA ALA B 139 -8.03 -10.81 -0.17
C ALA B 139 -7.62 -12.16 0.31
N SER B 140 -7.93 -13.17 -0.44
CA SER B 140 -7.39 -14.39 0.03
C SER B 140 -6.63 -14.96 -1.16
N TRP B 141 -5.35 -15.28 -0.96
CA TRP B 141 -4.56 -15.78 -2.03
C TRP B 141 -3.48 -16.60 -1.47
N THR B 142 -2.81 -17.33 -2.32
CA THR B 142 -1.72 -18.07 -1.80
C THR B 142 -0.44 -17.71 -2.51
N SER B 143 0.59 -17.51 -1.71
CA SER B 143 1.81 -16.99 -2.29
C SER B 143 2.62 -18.06 -2.98
N HIS B 144 2.99 -17.84 -4.24
CA HIS B 144 3.88 -18.82 -4.88
C HIS B 144 5.06 -19.20 -4.13
N SER B 145 5.57 -18.37 -3.22
CA SER B 145 6.73 -18.89 -2.62
C SER B 145 6.49 -19.49 -1.20
N VAL B 146 5.28 -20.03 -0.94
CA VAL B 146 4.93 -20.51 0.41
C VAL B 146 5.94 -21.53 0.82
N SER B 147 6.25 -22.50 -0.03
CA SER B 147 7.30 -23.48 0.19
C SER B 147 8.71 -22.97 0.38
N GLN B 148 9.08 -21.82 -0.14
CA GLN B 148 10.40 -21.32 0.22
C GLN B 148 10.44 -20.71 1.53
N ILE B 149 9.29 -20.39 2.07
CA ILE B 149 9.34 -19.63 3.37
C ILE B 149 8.95 -20.48 4.60
N TYR B 150 8.08 -21.48 4.38
CA TYR B 150 7.50 -22.34 5.43
C TYR B 150 7.88 -23.81 5.32
N GLU B 151 8.51 -24.32 6.40
CA GLU B 151 8.80 -25.71 6.52
C GLU B 151 7.45 -26.45 6.36
#